data_4YF2
#
_entry.id   4YF2
#
_cell.length_a   136.592
_cell.length_b   136.592
_cell.length_c   33.315
_cell.angle_alpha   90.00
_cell.angle_beta   90.00
_cell.angle_gamma   120.00
#
_symmetry.space_group_name_H-M   'P 65'
#
loop_
_entity.id
_entity.type
_entity.pdbx_description
1 polymer 'Sperm acrosome membrane-associated protein 3'
2 water water
#
_entity_poly.entity_id   1
_entity_poly.type   'polypeptide(L)'
_entity_poly.pdbx_seq_one_letter_code
;MAKVFSRCELAKEMHDFGLDGYRGYNLADWVCLAYYTSGFNTNAVDHEADGSTNNGIFQISSRRWCRTLASNGPNLCRIY
CTDLLNNDLKDSIVCAMKIVQEPLGLGYWEAWRHHCQGRDLSDWVDGCDFLEHHHHHH
;
_entity_poly.pdbx_strand_id   A,B,C
#
# COMPACT_ATOMS: atom_id res chain seq x y z
N ALA A 2 1.35 -7.39 15.47
CA ALA A 2 1.13 -5.97 15.84
C ALA A 2 2.19 -5.03 15.25
N LYS A 3 3.39 -5.53 14.95
CA LYS A 3 4.39 -4.76 14.21
C LYS A 3 5.27 -5.62 13.31
N VAL A 4 5.39 -5.22 12.04
CA VAL A 4 6.37 -5.80 11.13
C VAL A 4 7.33 -4.70 10.69
N PHE A 5 8.59 -4.82 11.11
CA PHE A 5 9.67 -3.89 10.75
C PHE A 5 10.08 -4.05 9.30
N SER A 6 10.47 -2.94 8.67
CA SER A 6 11.33 -2.95 7.50
C SER A 6 12.77 -3.23 7.92
N ARG A 7 13.55 -3.71 6.98
CA ARG A 7 14.93 -4.08 7.22
C ARG A 7 15.80 -3.00 7.95
N CYS A 8 15.78 -1.77 7.43
CA CYS A 8 16.55 -0.66 8.00
C CYS A 8 15.95 -0.11 9.30
N GLU A 9 14.62 -0.09 9.42
CA GLU A 9 13.97 0.24 10.68
C GLU A 9 14.46 -0.72 11.78
N LEU A 10 14.49 -2.01 11.46
CA LEU A 10 14.95 -2.99 12.42
C LEU A 10 16.42 -2.82 12.75
N ALA A 11 17.23 -2.56 11.72
CA ALA A 11 18.62 -2.34 11.92
C ALA A 11 18.84 -1.15 12.87
N LYS A 12 18.10 -0.08 12.66
CA LYS A 12 18.22 1.09 13.50
C LYS A 12 17.87 0.79 14.96
N GLU A 13 16.80 0.04 15.18
CA GLU A 13 16.41 -0.30 16.55
C GLU A 13 17.47 -1.15 17.23
N MET A 14 17.95 -2.16 16.56
CA MET A 14 19.03 -2.98 17.04
C MET A 14 20.34 -2.24 17.27
N HIS A 15 20.65 -1.24 16.45
CA HIS A 15 21.79 -0.38 16.69
C HIS A 15 21.58 0.39 17.98
N ASP A 16 20.36 0.90 18.21
CA ASP A 16 20.01 1.59 19.47
C ASP A 16 20.15 0.70 20.72
N PHE A 17 19.92 -0.59 20.57
CA PHE A 17 20.09 -1.52 21.64
C PHE A 17 21.56 -1.98 21.85
N GLY A 18 22.54 -1.49 21.06
CA GLY A 18 23.92 -1.92 21.19
C GLY A 18 24.31 -3.30 20.67
N LEU A 19 23.56 -3.87 19.73
CA LEU A 19 23.90 -5.23 19.22
C LEU A 19 25.04 -5.30 18.18
N ASP A 20 25.45 -4.15 17.60
CA ASP A 20 26.58 -4.14 16.64
C ASP A 20 27.84 -4.54 17.48
N GLY A 21 28.43 -5.68 17.12
CA GLY A 21 29.61 -6.19 17.77
C GLY A 21 29.40 -7.00 19.01
N TYR A 22 28.15 -7.11 19.50
CA TYR A 22 27.88 -7.87 20.70
C TYR A 22 28.23 -9.36 20.48
N ARG A 23 29.08 -9.88 21.37
CA ARG A 23 29.66 -11.24 21.25
C ARG A 23 30.30 -11.56 19.86
N GLY A 24 30.85 -10.53 19.24
CA GLY A 24 31.47 -10.63 17.94
C GLY A 24 30.56 -10.73 16.74
N TYR A 25 29.28 -10.34 16.89
CA TYR A 25 28.33 -10.38 15.78
C TYR A 25 27.99 -8.97 15.44
N ASN A 26 27.94 -8.65 14.16
CA ASN A 26 27.60 -7.30 13.77
C ASN A 26 26.10 -7.18 13.52
N LEU A 27 25.70 -5.96 13.23
CA LEU A 27 24.28 -5.65 13.02
C LEU A 27 23.62 -6.52 11.98
N ALA A 28 24.32 -6.78 10.89
CA ALA A 28 23.83 -7.58 9.82
C ALA A 28 23.46 -9.00 10.22
N ASP A 29 24.28 -9.60 11.07
CA ASP A 29 24.02 -10.92 11.63
C ASP A 29 22.67 -10.97 12.24
N TRP A 30 22.35 -9.99 13.07
CA TRP A 30 21.08 -9.92 13.81
C TRP A 30 19.88 -9.65 12.90
N VAL A 31 20.10 -8.80 11.90
CA VAL A 31 19.01 -8.48 10.96
C VAL A 31 18.70 -9.76 10.15
N CYS A 32 19.73 -10.40 9.61
CA CYS A 32 19.54 -11.65 8.88
C CYS A 32 18.80 -12.69 9.78
N LEU A 33 19.23 -12.84 11.02
CA LEU A 33 18.57 -13.76 11.95
C LEU A 33 17.08 -13.48 12.05
N ALA A 34 16.69 -12.23 12.31
CA ALA A 34 15.32 -11.88 12.43
C ALA A 34 14.54 -12.15 11.18
N TYR A 35 15.15 -11.98 10.03
CA TYR A 35 14.40 -12.15 8.81
C TYR A 35 14.05 -13.60 8.63
N TYR A 36 15.03 -14.47 8.82
CA TYR A 36 14.80 -15.88 8.53
C TYR A 36 14.09 -16.61 9.69
N THR A 37 14.04 -16.03 10.89
CA THR A 37 13.26 -16.67 11.98
C THR A 37 11.82 -16.25 11.89
N SER A 38 11.56 -14.95 11.83
CA SER A 38 10.20 -14.40 11.95
C SER A 38 9.73 -13.56 10.80
N GLY A 39 10.53 -13.39 9.76
CA GLY A 39 10.24 -12.38 8.75
C GLY A 39 10.04 -11.01 9.37
N PHE A 40 10.73 -10.69 10.46
CA PHE A 40 10.60 -9.34 11.09
C PHE A 40 9.23 -9.10 11.78
N ASN A 41 8.49 -10.15 12.05
CA ASN A 41 7.19 -10.05 12.70
C ASN A 41 7.37 -10.26 14.20
N THR A 42 7.11 -9.20 14.98
CA THR A 42 7.27 -9.22 16.43
C THR A 42 6.23 -10.12 17.13
N ASN A 43 5.15 -10.45 16.43
CA ASN A 43 4.09 -11.27 16.96
C ASN A 43 4.09 -12.75 16.46
N ALA A 44 5.08 -13.14 15.67
CA ALA A 44 5.11 -14.50 15.15
C ALA A 44 5.11 -15.56 16.26
N VAL A 45 4.30 -16.59 16.09
CA VAL A 45 4.30 -17.77 16.94
C VAL A 45 4.34 -19.01 16.04
N ASP A 46 5.24 -19.93 16.32
CA ASP A 46 5.36 -21.20 15.60
C ASP A 46 5.22 -22.33 16.62
N HIS A 47 4.46 -23.37 16.28
CA HIS A 47 4.11 -24.42 17.21
C HIS A 47 4.82 -25.64 16.66
N GLU A 48 5.80 -26.14 17.38
CA GLU A 48 6.56 -27.29 16.96
C GLU A 48 5.81 -28.59 17.20
N ALA A 49 6.31 -29.66 16.61
CA ALA A 49 5.62 -30.97 16.64
C ALA A 49 5.54 -31.54 18.06
N ASP A 50 6.53 -31.31 18.89
CA ASP A 50 6.41 -31.61 20.33
C ASP A 50 5.45 -30.66 21.12
N GLY A 51 4.80 -29.70 20.45
CA GLY A 51 3.85 -28.77 21.08
C GLY A 51 4.47 -27.55 21.74
N SER A 52 5.81 -27.45 21.79
CA SER A 52 6.49 -26.28 22.23
C SER A 52 6.26 -25.17 21.22
N THR A 53 6.45 -23.94 21.65
CA THR A 53 6.23 -22.76 20.81
C THR A 53 7.53 -22.03 20.63
N ASN A 54 7.69 -21.43 19.45
CA ASN A 54 8.73 -20.44 19.17
C ASN A 54 8.11 -19.09 19.03
N ASN A 55 8.67 -18.10 19.69
CA ASN A 55 7.98 -16.87 19.99
C ASN A 55 8.70 -15.60 19.63
N GLY A 56 8.01 -14.74 18.89
CA GLY A 56 8.44 -13.38 18.65
C GLY A 56 9.47 -13.23 17.56
N ILE A 57 10.09 -12.05 17.53
CA ILE A 57 11.04 -11.64 16.47
C ILE A 57 12.21 -12.59 16.28
N PHE A 58 12.67 -13.22 17.38
CA PHE A 58 13.74 -14.20 17.30
C PHE A 58 13.29 -15.64 17.48
N GLN A 59 11.99 -15.88 17.57
CA GLN A 59 11.48 -17.26 17.63
C GLN A 59 12.10 -18.06 18.76
N ILE A 60 12.00 -17.46 19.94
CA ILE A 60 12.52 -18.09 21.14
C ILE A 60 11.61 -19.18 21.67
N SER A 61 12.24 -20.30 22.07
CA SER A 61 11.57 -21.54 22.41
C SER A 61 11.08 -21.62 23.85
N SER A 62 9.82 -22.02 24.02
CA SER A 62 9.23 -22.36 25.30
C SER A 62 9.86 -23.59 26.03
N ARG A 63 10.65 -24.39 25.33
CA ARG A 63 11.27 -25.57 25.97
C ARG A 63 12.39 -25.20 26.86
N ARG A 64 13.00 -24.05 26.65
CA ARG A 64 14.17 -23.74 27.46
C ARG A 64 14.18 -22.33 28.06
N TRP A 65 13.71 -21.34 27.31
CA TRP A 65 14.04 -19.96 27.56
C TRP A 65 12.93 -19.18 28.17
N CYS A 66 11.70 -19.56 27.88
CA CYS A 66 10.56 -18.83 28.38
C CYS A 66 9.53 -19.83 28.88
N ARG A 67 8.58 -19.28 29.61
CA ARG A 67 7.56 -20.06 30.29
C ARG A 67 6.18 -20.01 29.61
N THR A 68 5.64 -21.19 29.31
CA THR A 68 4.19 -21.38 29.05
C THR A 68 3.69 -22.42 30.07
N LEU A 69 2.38 -22.52 30.24
CA LEU A 69 1.80 -23.59 31.08
C LEU A 69 1.60 -24.92 30.34
N ALA A 70 1.71 -26.01 31.11
CA ALA A 70 1.69 -27.40 30.63
C ALA A 70 2.99 -27.84 29.91
N SER A 71 3.62 -26.95 29.15
CA SER A 71 4.98 -27.17 28.64
C SER A 71 6.03 -26.60 29.64
N ASN A 72 6.06 -27.09 30.89
CA ASN A 72 7.09 -26.63 31.90
C ASN A 72 8.56 -26.86 31.42
N GLY A 73 9.46 -25.98 31.87
CA GLY A 73 10.86 -25.98 31.41
C GLY A 73 11.75 -25.13 32.32
N PRO A 74 13.05 -25.07 32.02
CA PRO A 74 13.87 -24.25 32.87
C PRO A 74 13.62 -22.75 32.77
N ASN A 75 12.94 -22.23 31.74
CA ASN A 75 12.56 -20.81 31.70
C ASN A 75 13.77 -19.89 32.03
N LEU A 76 14.85 -20.10 31.29
CA LEU A 76 16.11 -19.43 31.62
C LEU A 76 16.06 -17.90 31.48
N CYS A 77 15.19 -17.38 30.63
CA CYS A 77 15.03 -15.91 30.54
C CYS A 77 14.07 -15.35 31.52
N ARG A 78 13.43 -16.21 32.30
CA ARG A 78 12.51 -15.83 33.42
C ARG A 78 11.41 -14.89 32.93
N ILE A 79 10.67 -15.42 31.97
CA ILE A 79 9.71 -14.63 31.27
C ILE A 79 8.63 -15.52 30.69
N TYR A 80 7.38 -15.04 30.73
CA TYR A 80 6.34 -15.74 29.97
C TYR A 80 6.65 -15.59 28.48
N CYS A 81 6.49 -16.68 27.73
CA CYS A 81 6.62 -16.62 26.28
C CYS A 81 5.81 -15.48 25.57
N THR A 82 4.61 -15.24 26.07
CA THR A 82 3.69 -14.30 25.50
C THR A 82 4.25 -12.89 25.62
N ASP A 83 5.07 -12.65 26.64
CA ASP A 83 5.78 -11.39 26.75
C ASP A 83 6.90 -11.12 25.73
N LEU A 84 7.32 -12.15 25.02
CA LEU A 84 8.23 -11.98 23.90
C LEU A 84 7.50 -11.61 22.61
N LEU A 85 6.16 -11.37 22.64
CA LEU A 85 5.37 -11.00 21.46
C LEU A 85 5.09 -9.51 21.36
N ASN A 86 5.82 -8.73 22.14
CA ASN A 86 5.59 -7.29 22.20
C ASN A 86 6.12 -6.52 20.97
N ASN A 87 5.47 -5.42 20.58
CA ASN A 87 6.07 -4.52 19.55
C ASN A 87 7.43 -3.96 19.92
N ASP A 88 7.60 -3.69 21.20
CA ASP A 88 8.87 -3.24 21.75
C ASP A 88 9.75 -4.48 21.88
N LEU A 89 10.93 -4.42 21.31
CA LEU A 89 11.86 -5.56 21.23
C LEU A 89 12.63 -5.89 22.48
N LYS A 90 12.54 -5.06 23.54
CA LYS A 90 13.53 -5.16 24.59
C LYS A 90 13.63 -6.57 25.18
N ASP A 91 12.54 -7.22 25.47
CA ASP A 91 12.65 -8.49 26.19
C ASP A 91 13.15 -9.60 25.31
N SER A 92 12.83 -9.53 24.03
CA SER A 92 13.38 -10.47 23.07
C SER A 92 14.88 -10.24 22.89
N ILE A 93 15.29 -8.98 22.87
CA ILE A 93 16.67 -8.66 22.80
C ILE A 93 17.38 -9.20 24.02
N VAL A 94 16.88 -8.91 25.21
CA VAL A 94 17.54 -9.37 26.41
C VAL A 94 17.68 -10.90 26.41
N CYS A 95 16.65 -11.60 26.04
CA CYS A 95 16.67 -13.05 26.03
C CYS A 95 17.61 -13.61 24.97
N ALA A 96 17.57 -13.06 23.77
CA ALA A 96 18.58 -13.39 22.74
C ALA A 96 20.02 -13.17 23.16
N MET A 97 20.30 -12.09 23.87
CA MET A 97 21.59 -11.87 24.46
C MET A 97 22.06 -12.93 25.40
N LYS A 98 21.14 -13.46 26.19
CA LYS A 98 21.47 -14.58 27.08
C LYS A 98 21.71 -15.82 26.27
N ILE A 99 20.91 -16.03 25.21
CA ILE A 99 21.12 -17.20 24.38
C ILE A 99 22.48 -17.18 23.71
N VAL A 100 22.86 -16.06 23.11
CA VAL A 100 24.15 -15.98 22.45
C VAL A 100 25.38 -16.09 23.35
N GLN A 101 25.20 -15.97 24.66
CA GLN A 101 26.27 -16.25 25.59
C GLN A 101 26.56 -17.73 25.76
N GLU A 102 25.71 -18.60 25.26
CA GLU A 102 26.01 -20.01 25.24
C GLU A 102 27.07 -20.24 24.14
N PRO A 103 27.74 -21.38 24.18
CA PRO A 103 28.89 -21.65 23.28
C PRO A 103 28.65 -21.55 21.80
N LEU A 104 27.43 -21.75 21.32
CA LEU A 104 27.17 -21.70 19.90
C LEU A 104 26.94 -20.31 19.40
N GLY A 105 26.64 -19.35 20.28
CA GLY A 105 26.32 -18.06 19.81
C GLY A 105 25.07 -18.11 18.96
N LEU A 106 25.07 -17.39 17.84
CA LEU A 106 23.93 -17.39 16.93
C LEU A 106 23.76 -18.70 16.17
N GLY A 107 24.75 -19.58 16.19
CA GLY A 107 24.57 -20.91 15.66
C GLY A 107 23.49 -21.75 16.32
N TYR A 108 23.02 -21.29 17.46
CA TYR A 108 21.90 -21.92 18.16
C TYR A 108 20.60 -21.92 17.35
N TRP A 109 20.41 -20.91 16.53
CA TRP A 109 19.27 -20.81 15.61
C TRP A 109 19.53 -21.54 14.29
N GLU A 110 18.68 -22.52 13.94
CA GLU A 110 18.70 -23.25 12.65
C GLU A 110 18.64 -22.27 11.48
N ALA A 111 17.74 -21.30 11.59
CA ALA A 111 17.56 -20.30 10.55
C ALA A 111 18.87 -19.56 10.27
N TRP A 112 19.60 -19.23 11.32
CA TRP A 112 20.89 -18.52 11.14
C TRP A 112 21.96 -19.44 10.56
N ARG A 113 21.98 -20.69 11.03
CA ARG A 113 22.94 -21.62 10.49
C ARG A 113 22.66 -21.82 9.02
N HIS A 114 21.39 -22.03 8.68
CA HIS A 114 21.04 -22.40 7.30
C HIS A 114 20.89 -21.29 6.33
N HIS A 115 20.78 -20.03 6.77
CA HIS A 115 20.64 -18.89 5.82
C HIS A 115 21.59 -17.71 6.02
N CYS A 116 22.38 -17.66 7.08
CA CYS A 116 23.16 -16.43 7.41
C CYS A 116 24.61 -16.69 7.62
N GLN A 117 24.91 -17.83 8.26
CA GLN A 117 26.26 -18.25 8.46
C GLN A 117 26.86 -18.53 7.11
N GLY A 118 28.18 -18.38 7.01
CA GLY A 118 28.90 -18.83 5.79
C GLY A 118 28.64 -17.99 4.53
N ARG A 119 28.13 -16.76 4.75
CA ARG A 119 27.64 -15.85 3.71
C ARG A 119 28.11 -14.45 4.05
N ASP A 120 28.32 -13.63 3.03
CA ASP A 120 28.50 -12.18 3.20
C ASP A 120 27.11 -11.59 3.47
N LEU A 121 26.98 -10.86 4.60
CA LEU A 121 25.67 -10.36 5.04
C LEU A 121 25.57 -8.86 5.03
N SER A 122 26.59 -8.16 4.52
CA SER A 122 26.62 -6.71 4.53
C SER A 122 25.41 -6.12 3.81
N ASP A 123 24.88 -6.84 2.81
CA ASP A 123 23.60 -6.51 2.16
C ASP A 123 22.47 -6.16 3.09
N TRP A 124 22.41 -6.86 4.21
CA TRP A 124 21.35 -6.66 5.16
C TRP A 124 21.33 -5.26 5.79
N VAL A 125 22.47 -4.57 5.81
CA VAL A 125 22.50 -3.17 6.32
C VAL A 125 22.91 -2.11 5.30
N ASP A 126 23.14 -2.54 4.07
CA ASP A 126 23.44 -1.63 3.00
C ASP A 126 22.28 -0.65 2.75
N GLY A 127 22.66 0.60 2.49
CA GLY A 127 21.71 1.63 2.13
C GLY A 127 20.90 2.18 3.29
N CYS A 128 21.25 1.82 4.53
CA CYS A 128 20.45 2.20 5.69
C CYS A 128 20.79 3.63 6.10
N ASP A 129 19.76 4.47 6.02
CA ASP A 129 19.83 5.93 6.26
C ASP A 129 20.52 6.24 7.60
N PHE A 130 20.05 5.65 8.69
CA PHE A 130 20.59 5.95 9.99
C PHE A 130 22.12 5.80 10.14
N LEU A 131 22.80 5.11 9.21
CA LEU A 131 24.26 4.89 9.28
C LEU A 131 25.12 5.95 8.59
N ALA B 2 6.10 4.48 2.05
CA ALA B 2 5.94 5.95 2.02
C ALA B 2 4.69 6.41 2.79
N LYS B 3 3.69 5.53 2.93
CA LYS B 3 2.55 5.80 3.81
C LYS B 3 2.00 4.53 4.44
N VAL B 4 1.85 4.56 5.77
CA VAL B 4 1.08 3.54 6.51
C VAL B 4 -0.09 4.23 7.18
N PHE B 5 -1.29 3.90 6.71
CA PHE B 5 -2.54 4.40 7.24
C PHE B 5 -2.78 3.79 8.60
N SER B 6 -3.43 4.57 9.47
CA SER B 6 -4.17 4.04 10.56
C SER B 6 -5.52 3.46 10.03
N ARG B 7 -6.12 2.58 10.84
CA ARG B 7 -7.39 1.97 10.53
C ARG B 7 -8.49 2.95 10.11
N CYS B 8 -8.71 3.98 10.91
CA CYS B 8 -9.80 4.96 10.65
C CYS B 8 -9.46 5.93 9.51
N GLU B 9 -8.20 6.32 9.40
CA GLU B 9 -7.74 7.08 8.24
C GLU B 9 -8.02 6.32 6.93
N LEU B 10 -7.68 5.04 6.91
CA LEU B 10 -7.94 4.25 5.73
C LEU B 10 -9.43 4.10 5.44
N ALA B 11 -10.21 3.86 6.49
CA ALA B 11 -11.64 3.74 6.35
C ALA B 11 -12.21 4.99 5.74
N LYS B 12 -11.77 6.13 6.21
CA LYS B 12 -12.23 7.41 5.66
C LYS B 12 -11.90 7.53 4.17
N GLU B 13 -10.67 7.19 3.79
CA GLU B 13 -10.25 7.34 2.39
C GLU B 13 -11.11 6.42 1.49
N MET B 14 -11.27 5.18 1.90
CA MET B 14 -12.11 4.24 1.19
C MET B 14 -13.58 4.62 1.13
N HIS B 15 -14.09 5.27 2.17
CA HIS B 15 -15.42 5.83 2.12
C HIS B 15 -15.45 6.93 1.07
N ASP B 16 -14.44 7.78 1.00
CA ASP B 16 -14.35 8.83 -0.04
C ASP B 16 -14.30 8.30 -1.46
N PHE B 17 -13.76 7.11 -1.66
CA PHE B 17 -13.72 6.48 -2.94
C PHE B 17 -15.01 5.67 -3.29
N GLY B 18 -16.03 5.67 -2.44
CA GLY B 18 -17.28 4.96 -2.74
C GLY B 18 -17.26 3.43 -2.60
N LEU B 19 -16.38 2.87 -1.77
CA LEU B 19 -16.33 1.42 -1.63
C LEU B 19 -17.36 0.80 -0.67
N ASP B 20 -18.03 1.60 0.17
CA ASP B 20 -19.06 1.08 1.08
C ASP B 20 -20.21 0.60 0.15
N GLY B 21 -20.48 -0.70 0.20
CA GLY B 21 -21.51 -1.33 -0.60
C GLY B 21 -21.12 -1.76 -1.99
N TYR B 22 -19.92 -1.42 -2.44
CA TYR B 22 -19.50 -1.75 -3.81
C TYR B 22 -19.44 -3.28 -4.00
N ARG B 23 -20.11 -3.77 -5.03
CA ARG B 23 -20.31 -5.21 -5.25
C ARG B 23 -20.79 -6.00 -3.99
N GLY B 24 -21.60 -5.33 -3.18
CA GLY B 24 -22.15 -5.92 -1.98
C GLY B 24 -21.21 -6.07 -0.79
N TYR B 25 -20.07 -5.37 -0.79
CA TYR B 25 -19.13 -5.40 0.31
C TYR B 25 -19.16 -4.05 1.02
N ASN B 26 -19.14 -4.06 2.35
CA ASN B 26 -19.14 -2.82 3.07
C ASN B 26 -17.73 -2.40 3.39
N LEU B 27 -17.63 -1.22 3.96
CA LEU B 27 -16.36 -0.60 4.30
C LEU B 27 -15.46 -1.49 5.11
N ALA B 28 -16.02 -2.17 6.09
CA ALA B 28 -15.29 -3.08 6.97
C ALA B 28 -14.58 -4.22 6.25
N ASP B 29 -15.26 -4.78 5.25
CA ASP B 29 -14.69 -5.79 4.33
C ASP B 29 -13.40 -5.32 3.74
N TRP B 30 -13.38 -4.09 3.25
CA TRP B 30 -12.22 -3.50 2.58
C TRP B 30 -11.08 -3.12 3.55
N VAL B 31 -11.48 -2.65 4.72
CA VAL B 31 -10.48 -2.30 5.73
C VAL B 31 -9.83 -3.61 6.17
N CYS B 32 -10.66 -4.62 6.50
CA CYS B 32 -10.11 -5.92 6.92
C CYS B 32 -9.19 -6.51 5.82
N LEU B 33 -9.61 -6.44 4.56
CA LEU B 33 -8.74 -6.88 3.43
C LEU B 33 -7.38 -6.20 3.47
N ALA B 34 -7.35 -4.86 3.57
CA ALA B 34 -6.13 -4.14 3.52
C ALA B 34 -5.26 -4.49 4.69
N TYR B 35 -5.86 -4.74 5.85
CA TYR B 35 -5.04 -5.01 7.00
C TYR B 35 -4.32 -6.31 6.79
N TYR B 36 -5.01 -7.32 6.32
CA TYR B 36 -4.41 -8.65 6.26
C TYR B 36 -3.60 -8.88 4.99
N THR B 37 -3.74 -8.03 3.97
CA THR B 37 -2.88 -8.11 2.82
C THR B 37 -1.59 -7.37 3.08
N SER B 38 -1.67 -6.10 3.44
CA SER B 38 -0.53 -5.22 3.51
C SER B 38 -0.27 -4.58 4.87
N GLY B 39 -1.09 -4.87 5.88
CA GLY B 39 -1.01 -4.12 7.11
C GLY B 39 -1.19 -2.64 6.87
N PHE B 40 -1.95 -2.24 5.85
CA PHE B 40 -2.17 -0.83 5.56
C PHE B 40 -0.95 -0.08 4.98
N ASN B 41 0.05 -0.81 4.51
CA ASN B 41 1.27 -0.22 3.94
C ASN B 41 1.10 -0.07 2.42
N THR B 42 1.03 1.17 1.94
CA THR B 42 0.82 1.44 0.52
C THR B 42 2.04 1.04 -0.32
N ASN B 43 3.19 0.88 0.31
CA ASN B 43 4.42 0.49 -0.35
C ASN B 43 4.82 -0.97 -0.19
N ALA B 44 3.99 -1.79 0.43
CA ALA B 44 4.29 -3.22 0.61
C ALA B 44 4.51 -3.96 -0.71
N VAL B 45 5.56 -4.77 -0.74
CA VAL B 45 5.87 -5.66 -1.84
C VAL B 45 6.18 -7.01 -1.25
N ASP B 46 5.56 -8.03 -1.78
CA ASP B 46 5.85 -9.40 -1.41
C ASP B 46 6.28 -10.13 -2.68
N HIS B 47 7.27 -10.96 -2.56
CA HIS B 47 7.87 -11.65 -3.70
C HIS B 47 7.54 -13.11 -3.47
N GLU B 48 6.70 -13.69 -4.32
CA GLU B 48 6.30 -15.08 -4.18
C GLU B 48 7.38 -16.04 -4.70
N ALA B 49 7.22 -17.32 -4.39
CA ALA B 49 8.20 -18.33 -4.72
C ALA B 49 8.38 -18.50 -6.21
N ASP B 50 7.32 -18.35 -7.00
CA ASP B 50 7.48 -18.27 -8.47
C ASP B 50 8.16 -16.97 -8.99
N GLY B 51 8.57 -16.06 -8.10
CA GLY B 51 9.19 -14.78 -8.49
C GLY B 51 8.24 -13.66 -8.90
N SER B 52 6.92 -13.91 -8.94
CA SER B 52 5.93 -12.87 -9.10
C SER B 52 5.92 -12.02 -7.86
N THR B 53 5.37 -10.81 -7.98
CA THR B 53 5.28 -9.87 -6.84
C THR B 53 3.84 -9.59 -6.54
N ASN B 54 3.56 -9.32 -5.29
CA ASN B 54 2.27 -8.76 -4.82
C ASN B 54 2.52 -7.35 -4.35
N ASN B 55 1.68 -6.44 -4.77
CA ASN B 55 2.01 -5.03 -4.76
C ASN B 55 0.98 -4.12 -4.14
N GLY B 56 1.46 -3.32 -3.20
CA GLY B 56 0.70 -2.20 -2.67
C GLY B 56 -0.31 -2.60 -1.62
N ILE B 57 -1.21 -1.66 -1.34
CA ILE B 57 -2.21 -1.78 -0.24
C ILE B 57 -3.10 -3.05 -0.32
N PHE B 58 -3.40 -3.51 -1.54
CA PHE B 58 -4.14 -4.69 -1.74
C PHE B 58 -3.34 -5.86 -2.26
N GLN B 59 -2.02 -5.75 -2.36
CA GLN B 59 -1.19 -6.91 -2.71
C GLN B 59 -1.63 -7.54 -4.00
N ILE B 60 -1.76 -6.68 -5.00
CA ILE B 60 -2.10 -7.08 -6.35
C ILE B 60 -0.95 -7.72 -7.10
N SER B 61 -1.27 -8.85 -7.76
CA SER B 61 -0.27 -9.78 -8.33
C SER B 61 0.18 -9.41 -9.72
N SER B 62 1.51 -9.41 -9.94
CA SER B 62 2.11 -9.24 -11.23
C SER B 62 1.81 -10.38 -12.25
N ARG B 63 1.27 -11.53 -11.79
CA ARG B 63 0.98 -12.64 -12.70
C ARG B 63 -0.25 -12.41 -13.52
N ARG B 64 -1.13 -11.55 -13.08
CA ARG B 64 -2.33 -11.33 -13.80
C ARG B 64 -2.73 -9.87 -14.04
N TRP B 65 -2.48 -8.99 -13.10
CA TRP B 65 -3.23 -7.72 -13.05
C TRP B 65 -2.38 -6.56 -13.42
N CYS B 66 -1.09 -6.69 -13.18
CA CYS B 66 -0.19 -5.60 -13.43
C CYS B 66 1.06 -6.12 -14.10
N ARG B 67 1.82 -5.19 -14.64
CA ARG B 67 2.97 -5.48 -15.46
C ARG B 67 4.30 -5.26 -14.74
N THR B 68 5.13 -6.28 -14.74
CA THR B 68 6.58 -6.16 -14.48
C THR B 68 7.31 -6.77 -15.68
N LEU B 69 8.59 -6.48 -15.82
CA LEU B 69 9.41 -7.13 -16.88
C LEU B 69 9.98 -8.50 -16.46
N ALA B 70 10.13 -9.36 -17.48
CA ALA B 70 10.53 -10.77 -17.35
C ALA B 70 9.42 -11.68 -16.79
N SER B 71 8.60 -11.20 -15.86
CA SER B 71 7.37 -11.86 -15.46
C SER B 71 6.17 -11.39 -16.34
N ASN B 72 6.24 -11.57 -17.67
CA ASN B 72 5.12 -11.16 -18.58
C ASN B 72 3.77 -11.84 -18.23
N GLY B 73 2.66 -11.13 -18.48
CA GLY B 73 1.31 -11.58 -18.07
C GLY B 73 0.22 -10.82 -18.78
N PRO B 74 -1.04 -11.19 -18.53
CA PRO B 74 -2.08 -10.45 -19.20
C PRO B 74 -2.26 -8.98 -18.73
N ASN B 75 -1.73 -8.58 -17.57
CA ASN B 75 -1.74 -7.16 -17.19
C ASN B 75 -3.14 -6.53 -17.31
N LEU B 76 -4.11 -7.15 -16.64
CA LEU B 76 -5.49 -6.81 -16.86
C LEU B 76 -5.87 -5.41 -16.36
N CYS B 77 -5.17 -4.90 -15.37
CA CYS B 77 -5.40 -3.52 -14.94
C CYS B 77 -4.63 -2.48 -15.80
N ARG B 78 -3.81 -2.93 -16.73
CA ARG B 78 -3.06 -2.08 -17.66
C ARG B 78 -2.23 -1.06 -16.93
N ILE B 79 -1.33 -1.57 -16.11
CA ILE B 79 -0.57 -0.72 -15.25
C ILE B 79 0.72 -1.41 -14.86
N TYR B 80 1.79 -0.63 -14.73
CA TYR B 80 3.01 -1.20 -14.11
C TYR B 80 2.74 -1.48 -12.65
N CYS B 81 3.17 -2.63 -12.18
CA CYS B 81 3.08 -2.95 -10.75
C CYS B 81 3.58 -1.88 -9.77
N THR B 82 4.65 -1.25 -10.16
CA THR B 82 5.33 -0.24 -9.35
C THR B 82 4.39 0.97 -9.14
N ASP B 83 3.50 1.21 -10.10
CA ASP B 83 2.50 2.25 -9.94
C ASP B 83 1.42 1.98 -8.93
N LEU B 84 1.29 0.74 -8.51
CA LEU B 84 0.38 0.39 -7.41
C LEU B 84 1.03 0.61 -6.05
N LEU B 85 2.24 1.17 -5.99
CA LEU B 85 2.92 1.47 -4.72
C LEU B 85 2.80 2.93 -4.27
N ASN B 86 1.89 3.66 -4.86
CA ASN B 86 1.72 5.08 -4.58
C ASN B 86 1.04 5.38 -3.22
N ASN B 87 1.40 6.46 -2.55
CA ASN B 87 0.64 6.90 -1.37
C ASN B 87 -0.82 7.15 -1.63
N ASP B 88 -1.11 7.70 -2.82
CA ASP B 88 -2.47 7.89 -3.30
C ASP B 88 -3.00 6.52 -3.75
N LEU B 89 -4.14 6.13 -3.20
CA LEU B 89 -4.73 4.82 -3.43
C LEU B 89 -5.44 4.60 -4.74
N LYS B 90 -5.65 5.63 -5.55
CA LYS B 90 -6.61 5.54 -6.64
C LYS B 90 -6.37 4.37 -7.59
N ASP B 91 -5.14 4.11 -7.99
CA ASP B 91 -4.91 3.05 -9.00
C ASP B 91 -5.04 1.67 -8.41
N SER B 92 -4.72 1.54 -7.15
CA SER B 92 -4.98 0.25 -6.41
C SER B 92 -6.48 0.06 -6.24
N ILE B 93 -7.21 1.15 -5.95
CA ILE B 93 -8.66 1.06 -5.82
C ILE B 93 -9.26 0.66 -7.13
N VAL B 94 -8.86 1.30 -8.22
CA VAL B 94 -9.45 0.96 -9.50
C VAL B 94 -9.18 -0.50 -9.85
N CYS B 95 -7.96 -0.96 -9.62
CA CYS B 95 -7.60 -2.29 -9.99
C CYS B 95 -8.36 -3.31 -9.13
N ALA B 96 -8.45 -3.07 -7.83
CA ALA B 96 -9.24 -3.91 -6.94
C ALA B 96 -10.70 -4.00 -7.33
N MET B 97 -11.27 -2.88 -7.78
CA MET B 97 -12.61 -2.85 -8.32
C MET B 97 -12.82 -3.73 -9.54
N LYS B 98 -11.82 -3.81 -10.42
CA LYS B 98 -11.85 -4.75 -11.53
C LYS B 98 -11.72 -6.19 -11.02
N ILE B 99 -10.84 -6.43 -10.07
CA ILE B 99 -10.69 -7.79 -9.53
C ILE B 99 -11.99 -8.30 -8.91
N VAL B 100 -12.65 -7.48 -8.08
CA VAL B 100 -13.89 -7.92 -7.43
C VAL B 100 -15.06 -8.18 -8.35
N GLN B 101 -14.98 -7.71 -9.58
CA GLN B 101 -15.96 -8.02 -10.60
C GLN B 101 -15.84 -9.44 -11.11
N GLU B 102 -14.76 -10.13 -10.79
CA GLU B 102 -14.66 -11.55 -11.09
C GLU B 102 -15.58 -12.32 -10.11
N PRO B 103 -15.88 -13.58 -10.43
CA PRO B 103 -16.91 -14.34 -9.69
C PRO B 103 -16.67 -14.57 -8.22
N LEU B 104 -15.42 -14.54 -7.79
CA LEU B 104 -15.13 -14.72 -6.41
C LEU B 104 -15.26 -13.47 -5.57
N GLY B 105 -15.28 -12.29 -6.18
CA GLY B 105 -15.30 -11.10 -5.39
C GLY B 105 -14.04 -11.03 -4.56
N LEU B 106 -14.18 -10.66 -3.30
CA LEU B 106 -13.09 -10.56 -2.39
C LEU B 106 -12.54 -11.89 -1.99
N GLY B 107 -13.25 -12.97 -2.23
CA GLY B 107 -12.68 -14.31 -2.06
C GLY B 107 -11.46 -14.63 -2.91
N TYR B 108 -11.17 -13.79 -3.88
CA TYR B 108 -9.95 -13.87 -4.67
C TYR B 108 -8.65 -13.69 -3.85
N TRP B 109 -8.72 -12.91 -2.79
CA TRP B 109 -7.61 -12.74 -1.84
C TRP B 109 -7.56 -13.79 -0.74
N GLU B 110 -6.47 -14.54 -0.67
CA GLU B 110 -6.26 -15.56 0.40
C GLU B 110 -6.42 -14.92 1.80
N ALA B 111 -5.85 -13.73 1.93
CA ALA B 111 -5.93 -13.00 3.20
C ALA B 111 -7.36 -12.74 3.64
N TRP B 112 -8.21 -12.40 2.68
CA TRP B 112 -9.61 -12.15 2.99
C TRP B 112 -10.37 -13.45 3.30
N ARG B 113 -10.06 -14.48 2.54
CA ARG B 113 -10.68 -15.76 2.80
C ARG B 113 -10.29 -16.24 4.18
N HIS B 114 -8.99 -16.17 4.50
CA HIS B 114 -8.48 -16.72 5.76
C HIS B 114 -8.62 -15.87 6.98
N HIS B 115 -8.89 -14.58 6.85
CA HIS B 115 -9.04 -13.69 8.05
C HIS B 115 -10.29 -12.80 8.12
N CYS B 116 -11.13 -12.75 7.11
CA CYS B 116 -12.23 -11.75 7.04
C CYS B 116 -13.58 -12.34 6.72
N GLN B 117 -13.54 -13.33 5.84
CA GLN B 117 -14.73 -14.06 5.46
C GLN B 117 -15.25 -14.83 6.62
N GLY B 118 -16.57 -15.03 6.65
CA GLY B 118 -17.16 -15.91 7.69
C GLY B 118 -17.13 -15.38 9.12
N ARG B 119 -16.99 -14.06 9.24
CA ARG B 119 -16.77 -13.33 10.48
C ARG B 119 -17.60 -12.05 10.48
N ASP B 120 -17.99 -11.60 11.64
CA ASP B 120 -18.47 -10.23 11.85
C ASP B 120 -17.25 -9.31 11.80
N LEU B 121 -17.31 -8.28 10.96
CA LEU B 121 -16.19 -7.35 10.76
C LEU B 121 -16.46 -5.92 11.19
N SER B 122 -17.59 -5.67 11.83
CA SER B 122 -17.97 -4.28 12.22
C SER B 122 -16.98 -3.62 13.12
N ASP B 123 -16.27 -4.40 13.93
CA ASP B 123 -15.11 -3.93 14.73
C ASP B 123 -14.08 -3.12 13.91
N TRP B 124 -13.89 -3.47 12.65
CA TRP B 124 -12.95 -2.74 11.82
C TRP B 124 -13.30 -1.29 11.58
N VAL B 125 -14.58 -0.92 11.68
CA VAL B 125 -14.95 0.51 11.50
C VAL B 125 -15.51 1.15 12.76
N ASP B 126 -15.59 0.39 13.83
CA ASP B 126 -16.06 0.88 15.12
C ASP B 126 -15.16 2.00 15.66
N GLY B 127 -15.78 3.08 16.15
CA GLY B 127 -15.05 4.18 16.76
C GLY B 127 -14.38 5.13 15.79
N CYS B 128 -14.72 5.04 14.50
CA CYS B 128 -14.17 5.93 13.48
C CYS B 128 -15.18 7.05 13.22
N ASP B 129 -15.12 8.17 13.94
CA ASP B 129 -16.35 9.04 14.10
C ASP B 129 -17.18 9.27 12.82
N PHE B 130 -16.51 9.72 11.75
CA PHE B 130 -17.15 9.90 10.44
C PHE B 130 -18.15 8.77 10.16
N ALA C 2 -1.68 30.02 -21.16
CA ALA C 2 -2.15 30.71 -22.38
C ALA C 2 -3.64 31.05 -22.33
N LYS C 3 -4.42 30.30 -21.53
CA LYS C 3 -5.81 30.66 -21.27
C LYS C 3 -6.24 30.27 -19.86
N VAL C 4 -6.79 31.25 -19.14
CA VAL C 4 -7.52 31.01 -17.91
C VAL C 4 -8.98 31.42 -18.14
N PHE C 5 -9.86 30.43 -18.14
CA PHE C 5 -11.31 30.61 -18.24
C PHE C 5 -11.87 31.25 -16.98
N SER C 6 -12.92 32.05 -17.18
CA SER C 6 -13.85 32.36 -16.12
C SER C 6 -14.81 31.17 -15.95
N ARG C 7 -15.41 31.10 -14.78
CA ARG C 7 -16.35 30.06 -14.45
C ARG C 7 -17.45 29.80 -15.51
N CYS C 8 -18.14 30.86 -15.93
CA CYS C 8 -19.27 30.75 -16.89
C CYS C 8 -18.81 30.51 -18.32
N GLU C 9 -17.68 31.10 -18.71
CA GLU C 9 -17.05 30.78 -19.97
C GLU C 9 -16.73 29.27 -20.07
N LEU C 10 -16.13 28.73 -19.00
CA LEU C 10 -15.82 27.32 -18.97
C LEU C 10 -17.08 26.45 -19.00
N ALA C 11 -18.08 26.83 -18.23
CA ALA C 11 -19.32 26.11 -18.23
C ALA C 11 -19.90 26.06 -19.64
N LYS C 12 -19.89 27.17 -20.34
CA LYS C 12 -20.45 27.24 -21.69
C LYS C 12 -19.71 26.32 -22.64
N GLU C 13 -18.38 26.32 -22.57
CA GLU C 13 -17.58 25.44 -23.43
C GLU C 13 -17.92 23.99 -23.14
N MET C 14 -17.92 23.61 -21.87
CA MET C 14 -18.24 22.26 -21.48
C MET C 14 -19.65 21.83 -21.87
N HIS C 15 -20.60 22.78 -21.83
CA HIS C 15 -21.95 22.50 -22.30
C HIS C 15 -21.91 22.24 -23.78
N ASP C 16 -21.14 23.02 -24.54
CA ASP C 16 -20.94 22.77 -25.98
C ASP C 16 -20.33 21.39 -26.30
N PHE C 17 -19.50 20.86 -25.42
CA PHE C 17 -18.90 19.55 -25.59
C PHE C 17 -19.82 18.37 -25.09
N GLY C 18 -21.05 18.64 -24.61
CA GLY C 18 -21.96 17.58 -24.18
C GLY C 18 -21.67 16.96 -22.83
N LEU C 19 -20.96 17.64 -21.93
CA LEU C 19 -20.63 17.01 -20.62
C LEU C 19 -21.75 17.03 -19.56
N ASP C 20 -22.81 17.83 -19.76
CA ASP C 20 -23.94 17.84 -18.82
C ASP C 20 -24.60 16.43 -18.90
N GLY C 21 -24.58 15.70 -17.78
CA GLY C 21 -25.12 14.35 -17.71
C GLY C 21 -24.23 13.22 -18.16
N TYR C 22 -23.06 13.52 -18.70
CA TYR C 22 -22.15 12.47 -19.17
C TYR C 22 -21.68 11.56 -18.01
N ARG C 23 -21.89 10.25 -18.18
CA ARG C 23 -21.68 9.25 -17.12
C ARG C 23 -22.35 9.60 -15.76
N GLY C 24 -23.50 10.27 -15.85
CA GLY C 24 -24.24 10.70 -14.67
C GLY C 24 -23.68 11.87 -13.88
N TYR C 25 -22.85 12.70 -14.50
CA TYR C 25 -22.32 13.89 -13.87
C TYR C 25 -22.87 15.08 -14.58
N ASN C 26 -23.26 16.10 -13.85
CA ASN C 26 -23.76 17.32 -14.48
C ASN C 26 -22.63 18.34 -14.69
N LEU C 27 -22.98 19.42 -15.37
CA LEU C 27 -22.04 20.45 -15.75
C LEU C 27 -21.26 20.97 -14.55
N ALA C 28 -21.94 21.18 -13.45
CA ALA C 28 -21.35 21.71 -12.24
C ALA C 28 -20.21 20.83 -11.75
N ASP C 29 -20.40 19.51 -11.82
CA ASP C 29 -19.40 18.54 -11.41
C ASP C 29 -18.12 18.83 -12.11
N TRP C 30 -18.20 19.05 -13.41
CA TRP C 30 -17.02 19.29 -14.25
C TRP C 30 -16.37 20.67 -14.03
N VAL C 31 -17.22 21.66 -13.78
CA VAL C 31 -16.71 23.01 -13.50
C VAL C 31 -15.98 22.98 -12.16
N CYS C 32 -16.62 22.41 -11.16
CA CYS C 32 -15.97 22.22 -9.85
C CYS C 32 -14.63 21.45 -9.97
N LEU C 33 -14.63 20.36 -10.74
CA LEU C 33 -13.39 19.59 -10.95
C LEU C 33 -12.28 20.49 -11.50
N ALA C 34 -12.56 21.22 -12.55
CA ALA C 34 -11.54 22.03 -13.19
C ALA C 34 -11.04 23.10 -12.23
N TYR C 35 -11.91 23.62 -11.37
CA TYR C 35 -11.48 24.68 -10.51
C TYR C 35 -10.48 24.17 -9.52
N TYR C 36 -10.78 23.04 -8.90
CA TYR C 36 -9.92 22.53 -7.85
C TYR C 36 -8.71 21.73 -8.36
N THR C 37 -8.69 21.30 -9.62
CA THR C 37 -7.47 20.68 -10.18
C THR C 37 -6.54 21.75 -10.65
N SER C 38 -7.01 22.67 -11.51
CA SER C 38 -6.15 23.59 -12.23
C SER C 38 -6.45 25.04 -12.02
N GLY C 39 -7.47 25.38 -11.23
CA GLY C 39 -7.95 26.75 -11.19
C GLY C 39 -8.34 27.26 -12.55
N PHE C 40 -8.83 26.38 -13.44
CA PHE C 40 -9.26 26.79 -14.78
C PHE C 40 -8.12 27.18 -15.75
N ASN C 41 -6.89 26.81 -15.41
CA ASN C 41 -5.71 27.16 -16.19
C ASN C 41 -5.46 26.01 -17.14
N THR C 42 -5.63 26.27 -18.44
CA THR C 42 -5.41 25.24 -19.47
C THR C 42 -3.92 24.83 -19.58
N ASN C 43 -3.02 25.68 -19.09
CA ASN C 43 -1.59 25.48 -19.19
C ASN C 43 -0.94 25.01 -17.88
N ALA C 44 -1.73 24.73 -16.86
CA ALA C 44 -1.18 24.25 -15.58
C ALA C 44 -0.37 22.93 -15.76
N VAL C 45 0.81 22.90 -15.16
CA VAL C 45 1.63 21.71 -15.05
C VAL C 45 2.05 21.55 -13.59
N ASP C 46 1.86 20.36 -13.06
CA ASP C 46 2.31 20.02 -11.70
C ASP C 46 3.27 18.82 -11.83
N HIS C 47 4.35 18.84 -11.08
CA HIS C 47 5.40 17.85 -11.19
C HIS C 47 5.35 17.12 -9.87
N GLU C 48 4.95 15.85 -9.89
CA GLU C 48 4.85 15.05 -8.68
C GLU C 48 6.21 14.53 -8.18
N ALA C 49 6.23 14.02 -6.96
CA ALA C 49 7.47 13.62 -6.30
C ALA C 49 8.15 12.45 -7.01
N ASP C 50 7.37 11.54 -7.61
CA ASP C 50 7.95 10.54 -8.54
C ASP C 50 8.42 11.10 -9.91
N GLY C 51 8.33 12.42 -10.14
CA GLY C 51 8.77 13.07 -11.37
C GLY C 51 7.78 13.04 -12.53
N SER C 52 6.64 12.34 -12.36
CA SER C 52 5.56 12.38 -13.32
C SER C 52 4.97 13.77 -13.31
N THR C 53 4.21 14.10 -14.36
CA THR C 53 3.57 15.42 -14.49
C THR C 53 2.08 15.26 -14.53
N ASN C 54 1.36 16.24 -13.98
CA ASN C 54 -0.07 16.41 -14.15
C ASN C 54 -0.30 17.58 -15.04
N ASN C 55 -1.16 17.41 -16.03
CA ASN C 55 -1.20 18.31 -17.18
C ASN C 55 -2.53 18.88 -17.54
N GLY C 56 -2.56 20.22 -17.64
CA GLY C 56 -3.69 20.94 -18.23
C GLY C 56 -4.86 21.16 -17.31
N ILE C 57 -5.98 21.51 -17.93
CA ILE C 57 -7.22 21.87 -17.20
C ILE C 57 -7.70 20.81 -16.18
N PHE C 58 -7.54 19.54 -16.53
CA PHE C 58 -7.90 18.47 -15.64
C PHE C 58 -6.73 17.73 -14.98
N GLN C 59 -5.51 18.22 -15.12
CA GLN C 59 -4.36 17.70 -14.39
C GLN C 59 -4.15 16.20 -14.62
N ILE C 60 -4.16 15.84 -15.90
CA ILE C 60 -4.02 14.48 -16.35
C ILE C 60 -2.57 14.02 -16.26
N SER C 61 -2.41 12.81 -15.70
CA SER C 61 -1.09 12.28 -15.31
C SER C 61 -0.35 11.60 -16.46
N SER C 62 0.94 11.93 -16.59
CA SER C 62 1.88 11.24 -17.50
C SER C 62 2.20 9.79 -17.14
N ARG C 63 1.82 9.33 -15.95
CA ARG C 63 2.05 7.92 -15.57
C ARG C 63 1.14 6.97 -16.24
N ARG C 64 -0.02 7.42 -16.65
CA ARG C 64 -0.97 6.49 -17.18
C ARG C 64 -1.60 6.93 -18.50
N TRP C 65 -1.91 8.20 -18.64
CA TRP C 65 -2.90 8.64 -19.63
C TRP C 65 -2.26 9.30 -20.82
N CYS C 66 -1.09 9.88 -20.62
CA CYS C 66 -0.44 10.61 -21.71
C CYS C 66 1.05 10.30 -21.69
N ARG C 67 1.68 10.67 -22.77
CA ARG C 67 3.07 10.34 -23.05
C ARG C 67 4.02 11.52 -22.87
N THR C 68 5.03 11.32 -22.04
CA THR C 68 6.25 12.15 -22.01
C THR C 68 7.42 11.19 -22.26
N LEU C 69 8.58 11.75 -22.60
CA LEU C 69 9.81 10.94 -22.69
C LEU C 69 10.53 10.75 -21.35
N ALA C 70 11.19 9.58 -21.23
CA ALA C 70 11.86 9.09 -20.02
C ALA C 70 10.89 8.59 -18.92
N SER C 71 9.74 9.23 -18.75
CA SER C 71 8.63 8.69 -17.93
C SER C 71 7.68 7.82 -18.80
N ASN C 72 8.16 6.73 -19.43
CA ASN C 72 7.30 5.83 -20.26
C ASN C 72 6.11 5.24 -19.45
N GLY C 73 4.99 4.97 -20.14
CA GLY C 73 3.75 4.50 -19.49
C GLY C 73 2.78 3.90 -20.51
N PRO C 74 1.65 3.39 -20.04
CA PRO C 74 0.67 2.90 -21.00
C PRO C 74 0.01 3.98 -21.90
N ASN C 75 0.08 5.28 -21.58
CA ASN C 75 -0.36 6.32 -22.55
C ASN C 75 -1.76 6.04 -23.09
N LEU C 76 -2.69 5.84 -22.18
CA LEU C 76 -4.01 5.33 -22.57
C LEU C 76 -4.82 6.29 -23.42
N CYS C 77 -4.60 7.58 -23.29
CA CYS C 77 -5.26 8.54 -24.16
C CYS C 77 -4.53 8.75 -25.50
N ARG C 78 -3.38 8.12 -25.68
CA ARG C 78 -2.63 8.14 -26.93
C ARG C 78 -2.34 9.55 -27.37
N ILE C 79 -1.65 10.24 -26.49
CA ILE C 79 -1.38 11.63 -26.72
C ILE C 79 -0.15 12.05 -25.96
N TYR C 80 0.62 12.98 -26.54
CA TYR C 80 1.66 13.63 -25.74
C TYR C 80 1.05 14.49 -24.67
N CYS C 81 1.58 14.42 -23.45
CA CYS C 81 1.11 15.29 -22.35
C CYS C 81 1.03 16.78 -22.68
N THR C 82 1.98 17.23 -23.48
CA THR C 82 2.11 18.64 -23.84
C THR C 82 0.87 19.07 -24.67
N ASP C 83 0.30 18.14 -25.42
CA ASP C 83 -0.92 18.40 -26.17
C ASP C 83 -2.19 18.56 -25.33
N LEU C 84 -2.13 18.21 -24.05
CA LEU C 84 -3.19 18.55 -23.12
C LEU C 84 -3.04 19.93 -22.53
N LEU C 85 -2.06 20.74 -22.95
CA LEU C 85 -1.88 22.13 -22.47
C LEU C 85 -2.48 23.18 -23.39
N ASN C 86 -3.30 22.74 -24.35
CA ASN C 86 -3.84 23.60 -25.41
C ASN C 86 -4.95 24.51 -24.90
N ASN C 87 -5.06 25.73 -25.43
CA ASN C 87 -6.22 26.57 -25.09
C ASN C 87 -7.55 25.95 -25.44
N ASP C 88 -7.58 25.20 -26.54
CA ASP C 88 -8.74 24.42 -26.94
C ASP C 88 -8.77 23.20 -26.02
N LEU C 89 -9.89 23.00 -25.36
CA LEU C 89 -10.10 21.88 -24.45
C LEU C 89 -10.34 20.49 -25.01
N LYS C 90 -10.50 20.32 -26.33
CA LYS C 90 -11.02 19.07 -26.87
C LYS C 90 -10.22 17.87 -26.41
N ASP C 91 -8.92 17.91 -26.44
CA ASP C 91 -8.14 16.69 -26.13
C ASP C 91 -8.12 16.33 -24.64
N SER C 92 -8.17 17.32 -23.79
CA SER C 92 -8.36 17.13 -22.36
C SER C 92 -9.76 16.61 -22.07
N ILE C 93 -10.76 17.12 -22.78
CA ILE C 93 -12.11 16.60 -22.62
C ILE C 93 -12.16 15.18 -23.03
N VAL C 94 -11.60 14.85 -24.19
CA VAL C 94 -11.66 13.46 -24.66
C VAL C 94 -10.98 12.53 -23.66
N CYS C 95 -9.85 12.94 -23.15
CA CYS C 95 -9.09 12.10 -22.27
C CYS C 95 -9.77 11.94 -20.94
N ALA C 96 -10.28 13.03 -20.38
CA ALA C 96 -11.16 12.95 -19.19
C ALA C 96 -12.37 12.04 -19.33
N MET C 97 -13.01 12.05 -20.49
CA MET C 97 -14.10 11.13 -20.79
C MET C 97 -13.71 9.69 -20.77
N LYS C 98 -12.52 9.38 -21.21
CA LYS C 98 -11.98 8.00 -21.06
C LYS C 98 -11.68 7.68 -19.62
N ILE C 99 -11.13 8.64 -18.89
CA ILE C 99 -10.85 8.40 -17.49
C ILE C 99 -12.14 8.09 -16.70
N VAL C 100 -13.17 8.88 -16.89
CA VAL C 100 -14.43 8.72 -16.14
C VAL C 100 -15.19 7.44 -16.48
N GLN C 101 -14.81 6.77 -17.57
CA GLN C 101 -15.31 5.45 -17.85
C GLN C 101 -14.72 4.38 -16.97
N GLU C 102 -13.69 4.69 -16.22
CA GLU C 102 -13.17 3.72 -15.24
C GLU C 102 -14.15 3.71 -14.06
N PRO C 103 -14.07 2.67 -13.23
CA PRO C 103 -15.03 2.47 -12.15
C PRO C 103 -15.22 3.59 -11.14
N LEU C 104 -14.23 4.44 -10.94
CA LEU C 104 -14.35 5.53 -9.99
C LEU C 104 -15.01 6.75 -10.54
N GLY C 105 -15.11 6.87 -11.84
CA GLY C 105 -15.67 8.07 -12.41
C GLY C 105 -14.82 9.23 -12.01
N LEU C 106 -15.46 10.34 -11.65
CA LEU C 106 -14.76 11.52 -11.20
C LEU C 106 -14.08 11.35 -9.86
N GLY C 107 -14.42 10.31 -9.11
CA GLY C 107 -13.69 10.00 -7.91
C GLY C 107 -12.22 9.65 -8.09
N TYR C 108 -11.79 9.47 -9.33
CA TYR C 108 -10.40 9.34 -9.72
C TYR C 108 -9.54 10.54 -9.37
N TRP C 109 -10.12 11.71 -9.39
CA TRP C 109 -9.44 12.94 -8.99
C TRP C 109 -9.56 13.25 -7.50
N GLU C 110 -8.44 13.35 -6.78
CA GLU C 110 -8.43 13.74 -5.33
C GLU C 110 -9.14 15.07 -5.12
N ALA C 111 -8.87 16.00 -6.02
CA ALA C 111 -9.51 17.34 -5.94
C ALA C 111 -11.01 17.26 -5.96
N TRP C 112 -11.56 16.39 -6.80
CA TRP C 112 -13.01 16.21 -6.85
C TRP C 112 -13.56 15.45 -5.62
N ARG C 113 -12.81 14.46 -5.16
CA ARG C 113 -13.21 13.76 -3.97
C ARG C 113 -13.22 14.74 -2.79
N HIS C 114 -12.15 15.52 -2.64
CA HIS C 114 -11.99 16.37 -1.47
C HIS C 114 -12.71 17.70 -1.51
N HIS C 115 -13.17 18.19 -2.65
CA HIS C 115 -13.83 19.51 -2.71
C HIS C 115 -15.18 19.55 -3.43
N CYS C 116 -15.62 18.48 -4.09
CA CYS C 116 -16.81 18.56 -4.99
C CYS C 116 -17.83 17.47 -4.73
N GLN C 117 -17.34 16.28 -4.42
CA GLN C 117 -18.16 15.19 -4.01
C GLN C 117 -18.83 15.56 -2.70
N GLY C 118 -20.01 15.00 -2.48
CA GLY C 118 -20.64 15.13 -1.15
C GLY C 118 -21.15 16.53 -0.80
N ARG C 119 -21.32 17.36 -1.86
CA ARG C 119 -21.65 18.78 -1.77
C ARG C 119 -22.70 19.14 -2.84
N ASP C 120 -23.57 20.11 -2.56
CA ASP C 120 -24.40 20.73 -3.61
C ASP C 120 -23.52 21.68 -4.40
N LEU C 121 -23.50 21.49 -5.71
CA LEU C 121 -22.57 22.19 -6.60
C LEU C 121 -23.27 23.15 -7.57
N SER C 122 -24.58 23.32 -7.44
CA SER C 122 -25.36 24.17 -8.36
C SER C 122 -24.87 25.63 -8.42
N ASP C 123 -24.29 26.11 -7.33
CA ASP C 123 -23.50 27.35 -7.28
C ASP C 123 -22.50 27.55 -8.44
N TRP C 124 -21.82 26.46 -8.82
CA TRP C 124 -20.84 26.54 -9.88
C TRP C 124 -21.40 26.95 -11.24
N VAL C 125 -22.70 26.74 -11.48
CA VAL C 125 -23.31 27.17 -12.76
C VAL C 125 -24.38 28.25 -12.62
N ASP C 126 -24.63 28.70 -11.38
CA ASP C 126 -25.59 29.77 -11.14
C ASP C 126 -25.14 31.05 -11.86
N GLY C 127 -26.09 31.74 -12.49
CA GLY C 127 -25.83 33.03 -13.14
C GLY C 127 -25.10 33.03 -14.49
N CYS C 128 -25.09 31.91 -15.20
CA CYS C 128 -24.48 31.83 -16.54
C CYS C 128 -25.56 31.72 -17.63
#